data_8BM5
#
_entry.id   8BM5
#
_cell.length_a   82.636
_cell.length_b   111.994
_cell.length_c   62.619
_cell.angle_alpha   90.00
_cell.angle_beta   90.00
_cell.angle_gamma   90.00
#
_symmetry.space_group_name_H-M   'C 2 2 21'
#
loop_
_entity.id
_entity.type
_entity.pdbx_description
1 polymer '14-3-3 protein sigma'
2 polymer 'Estrogen-related receptor gamma'
3 non-polymer 'MAGNESIUM ION'
4 non-polymer 'CHLORIDE ION'
5 non-polymer 4-methanoyl-~{N}-methyl-~{N}-(2-sulfanylethyl)benzenesulfonamide
6 water water
#
loop_
_entity_poly.entity_id
_entity_poly.type
_entity_poly.pdbx_seq_one_letter_code
_entity_poly.pdbx_strand_id
1 'polypeptide(L)'
;GAMGSMERASLIQKAKLAEQAERYEDMAAFMKGAVEKGEELSNEERNLLSVAYKNVVGGQRAAWRVLSSIEQKSNEEGSE
EKGPEVREYREKVETELQGVCDTVLGLLDSHLIKEAGDAESRVFYLKMKGDYYRYLAEVATGDDKKRIIDSARSAYQEAM
DISKKEMPPTNPIRLGLALNFSVFHYEIANSPEEAISLAKTTFDEAMADLHTLSEDSYKDSTLIMQLLRDNLTLWT
;
A
2 'polypeptide(L)' KRRRK(SEP)CQA(NH2) B
#
loop_
_chem_comp.id
_chem_comp.type
_chem_comp.name
_chem_comp.formula
CL non-polymer 'CHLORIDE ION' 'Cl -1'
MG non-polymer 'MAGNESIUM ION' 'Mg 2'
NH2 non-polymer 'AMINO GROUP' 'H2 N'
QQ0 non-polymer 4-methanoyl-~{N}-methyl-~{N}-(2-sulfanylethyl)benzenesulfonamide 'C10 H13 N O3 S2'
#
# COMPACT_ATOMS: atom_id res chain seq x y z
N GLY A 1 13.15 -16.17 12.51
CA GLY A 1 12.93 -17.31 11.64
C GLY A 1 14.13 -17.64 10.77
N ALA A 2 13.88 -17.99 9.51
CA ALA A 2 14.91 -18.51 8.64
C ALA A 2 16.00 -17.49 8.32
N MET A 3 15.73 -16.18 8.48
CA MET A 3 16.76 -15.18 8.27
C MET A 3 17.53 -14.82 9.52
N GLY A 4 17.27 -15.50 10.64
CA GLY A 4 17.88 -15.12 11.90
C GLY A 4 19.39 -15.25 11.92
N SER A 5 19.96 -16.15 11.10
N SER A 5 19.95 -16.14 11.10
CA SER A 5 21.40 -16.34 11.08
CA SER A 5 21.39 -16.37 11.04
C SER A 5 22.13 -15.44 10.08
C SER A 5 22.12 -15.40 10.12
N MET A 6 21.42 -14.65 9.29
CA MET A 6 22.08 -13.82 8.29
C MET A 6 22.25 -12.40 8.82
N GLU A 7 23.40 -11.80 8.53
CA GLU A 7 23.69 -10.43 8.96
C GLU A 7 22.67 -9.46 8.39
N ARG A 8 22.35 -8.43 9.19
CA ARG A 8 21.45 -7.38 8.71
C ARG A 8 21.92 -6.80 7.38
N ALA A 9 23.20 -6.47 7.28
CA ALA A 9 23.69 -5.84 6.05
C ALA A 9 23.61 -6.80 4.86
N SER A 10 23.82 -8.10 5.09
CA SER A 10 23.70 -9.08 4.02
C SER A 10 22.26 -9.21 3.55
N LEU A 11 21.30 -9.15 4.49
CA LEU A 11 19.89 -9.21 4.10
C LEU A 11 19.52 -8.02 3.23
N ILE A 12 19.99 -6.82 3.60
N ILE A 12 20.03 -6.83 3.54
CA ILE A 12 19.77 -5.62 2.80
CA ILE A 12 19.71 -5.66 2.74
C ILE A 12 20.38 -5.79 1.41
C ILE A 12 20.41 -5.70 1.39
N GLN A 13 21.66 -6.20 1.37
CA GLN A 13 22.33 -6.42 0.09
C GLN A 13 21.56 -7.39 -0.79
N LYS A 14 21.09 -8.49 -0.21
CA LYS A 14 20.35 -9.48 -0.98
C LYS A 14 18.98 -8.96 -1.39
N ALA A 15 18.34 -8.13 -0.56
CA ALA A 15 17.08 -7.54 -0.98
C ALA A 15 17.28 -6.70 -2.23
N LYS A 16 18.40 -5.98 -2.32
CA LYS A 16 18.66 -5.17 -3.51
C LYS A 16 18.92 -6.05 -4.73
N LEU A 17 19.63 -7.17 -4.54
CA LEU A 17 19.83 -8.11 -5.64
C LEU A 17 18.51 -8.72 -6.09
N ALA A 18 17.67 -9.11 -5.12
CA ALA A 18 16.37 -9.68 -5.45
C ALA A 18 15.53 -8.69 -6.24
N GLU A 19 15.57 -7.40 -5.87
CA GLU A 19 14.87 -6.38 -6.64
C GLU A 19 15.36 -6.36 -8.09
N GLN A 20 16.69 -6.37 -8.29
CA GLN A 20 17.22 -6.36 -9.66
C GLN A 20 16.79 -7.57 -10.46
N ALA A 21 16.62 -8.71 -9.79
CA ALA A 21 16.20 -9.95 -10.43
C ALA A 21 14.69 -10.11 -10.48
N GLU A 22 13.95 -9.09 -10.04
N GLU A 22 13.94 -9.15 -9.96
CA GLU A 22 12.49 -9.16 -9.92
CA GLU A 22 12.47 -9.17 -9.98
C GLU A 22 12.03 -10.41 -9.19
C GLU A 22 11.90 -10.24 -9.04
N ARG A 23 12.71 -10.71 -8.09
CA ARG A 23 12.36 -11.81 -7.19
C ARG A 23 11.77 -11.19 -5.92
N TYR A 24 10.52 -10.74 -6.04
CA TYR A 24 9.94 -9.92 -4.98
C TYR A 24 9.59 -10.71 -3.73
N GLU A 25 9.21 -11.98 -3.87
CA GLU A 25 9.01 -12.82 -2.69
C GLU A 25 10.31 -12.94 -1.89
N ASP A 26 11.42 -13.22 -2.56
CA ASP A 26 12.70 -13.25 -1.86
C ASP A 26 13.01 -11.90 -1.24
N MET A 27 12.78 -10.82 -2.00
CA MET A 27 13.06 -9.48 -1.51
C MET A 27 12.30 -9.23 -0.21
N ALA A 28 11.02 -9.60 -0.18
CA ALA A 28 10.21 -9.39 1.01
C ALA A 28 10.72 -10.21 2.18
N ALA A 29 11.09 -11.48 1.93
CA ALA A 29 11.61 -12.31 3.01
C ALA A 29 12.92 -11.74 3.57
N PHE A 30 13.80 -11.25 2.71
CA PHE A 30 15.03 -10.61 3.20
C PHE A 30 14.71 -9.38 4.03
N MET A 31 13.80 -8.53 3.56
CA MET A 31 13.48 -7.32 4.31
C MET A 31 12.75 -7.61 5.62
N LYS A 32 11.90 -8.63 5.66
CA LYS A 32 11.32 -9.07 6.93
C LYS A 32 12.42 -9.48 7.90
N GLY A 33 13.39 -10.26 7.43
CA GLY A 33 14.52 -10.62 8.28
C GLY A 33 15.27 -9.40 8.76
N ALA A 34 15.47 -8.41 7.89
CA ALA A 34 16.15 -7.20 8.32
C ALA A 34 15.36 -6.45 9.39
N VAL A 35 14.04 -6.31 9.21
CA VAL A 35 13.23 -5.65 10.22
C VAL A 35 13.33 -6.38 11.55
N GLU A 36 13.32 -7.71 11.51
CA GLU A 36 13.32 -8.50 12.73
C GLU A 36 14.64 -8.44 13.48
N LYS A 37 15.69 -7.83 12.91
CA LYS A 37 16.91 -7.56 13.66
C LYS A 37 16.67 -6.57 14.78
N GLY A 38 15.60 -5.76 14.70
CA GLY A 38 15.20 -4.90 15.80
C GLY A 38 15.68 -3.47 15.70
N GLU A 39 16.53 -3.15 14.75
CA GLU A 39 16.96 -1.77 14.56
C GLU A 39 15.99 -1.02 13.65
N GLU A 40 15.92 0.29 13.84
CA GLU A 40 15.11 1.12 12.96
C GLU A 40 15.64 1.05 11.54
N LEU A 41 14.79 1.38 10.57
CA LEU A 41 15.15 1.35 9.16
C LEU A 41 15.47 2.76 8.67
N SER A 42 16.48 2.85 7.83
CA SER A 42 16.77 4.10 7.12
C SER A 42 15.72 4.36 6.03
N ASN A 43 15.80 5.55 5.43
CA ASN A 43 14.87 5.88 4.35
C ASN A 43 14.96 4.86 3.22
N GLU A 44 16.16 4.53 2.79
CA GLU A 44 16.33 3.56 1.70
C GLU A 44 15.79 2.19 2.10
N GLU A 45 16.04 1.78 3.35
CA GLU A 45 15.58 0.48 3.80
C GLU A 45 14.05 0.42 3.89
N ARG A 46 13.41 1.52 4.32
CA ARG A 46 11.95 1.54 4.35
C ARG A 46 11.41 1.40 2.94
N ASN A 47 12.06 2.04 1.96
CA ASN A 47 11.62 1.92 0.58
C ASN A 47 11.77 0.49 0.09
N LEU A 48 12.85 -0.19 0.47
CA LEU A 48 13.01 -1.58 0.03
C LEU A 48 11.92 -2.46 0.61
N LEU A 49 11.62 -2.28 1.90
CA LEU A 49 10.53 -3.02 2.54
C LEU A 49 9.21 -2.81 1.80
N SER A 50 8.88 -1.55 1.51
CA SER A 50 7.63 -1.22 0.87
C SER A 50 7.57 -1.77 -0.55
N VAL A 51 8.62 -1.58 -1.34
CA VAL A 51 8.63 -2.08 -2.70
C VAL A 51 8.41 -3.59 -2.71
N ALA A 52 9.10 -4.30 -1.82
CA ALA A 52 9.03 -5.75 -1.82
C ALA A 52 7.60 -6.23 -1.59
N TYR A 53 7.00 -5.78 -0.49
CA TYR A 53 5.65 -6.25 -0.17
C TYR A 53 4.61 -5.70 -1.13
N LYS A 54 4.78 -4.50 -1.66
CA LYS A 54 3.78 -3.98 -2.58
C LYS A 54 3.74 -4.81 -3.84
N ASN A 55 4.90 -5.29 -4.29
CA ASN A 55 4.94 -6.13 -5.47
C ASN A 55 4.37 -7.51 -5.19
N VAL A 56 4.68 -8.10 -4.03
CA VAL A 56 4.11 -9.40 -3.71
C VAL A 56 2.59 -9.31 -3.64
N VAL A 57 2.08 -8.37 -2.85
N VAL A 57 2.07 -8.39 -2.82
CA VAL A 57 0.64 -8.28 -2.66
CA VAL A 57 0.61 -8.32 -2.69
C VAL A 57 -0.04 -7.78 -3.93
C VAL A 57 -0.01 -7.86 -4.00
N GLY A 58 0.66 -6.99 -4.75
CA GLY A 58 0.09 -6.53 -6.00
C GLY A 58 -0.19 -7.67 -6.95
N GLY A 59 0.71 -8.65 -7.00
CA GLY A 59 0.47 -9.82 -7.83
C GLY A 59 -0.67 -10.66 -7.29
N GLN A 60 -0.75 -10.83 -5.98
CA GLN A 60 -1.84 -11.59 -5.39
C GLN A 60 -3.17 -10.90 -5.64
N ARG A 61 -3.21 -9.58 -5.50
CA ARG A 61 -4.45 -8.83 -5.71
C ARG A 61 -4.93 -8.95 -7.14
N ALA A 62 -4.02 -8.84 -8.10
CA ALA A 62 -4.39 -8.98 -9.50
C ALA A 62 -4.96 -10.36 -9.77
N ALA A 63 -4.34 -11.40 -9.21
CA ALA A 63 -4.84 -12.76 -9.38
C ALA A 63 -6.19 -12.92 -8.72
N TRP A 64 -6.35 -12.37 -7.52
CA TRP A 64 -7.65 -12.41 -6.83
C TRP A 64 -8.74 -11.77 -7.68
N ARG A 65 -8.44 -10.64 -8.33
CA ARG A 65 -9.48 -9.98 -9.12
C ARG A 65 -9.88 -10.83 -10.32
N VAL A 66 -8.92 -11.51 -10.96
CA VAL A 66 -9.24 -12.39 -12.07
C VAL A 66 -10.18 -13.50 -11.59
N LEU A 67 -9.83 -14.13 -10.47
CA LEU A 67 -10.61 -15.26 -9.98
C LEU A 67 -11.98 -14.81 -9.48
N SER A 68 -12.04 -13.64 -8.83
N SER A 68 -12.04 -13.64 -8.83
CA SER A 68 -13.31 -13.12 -8.35
CA SER A 68 -13.32 -13.13 -8.35
C SER A 68 -14.26 -12.83 -9.51
C SER A 68 -14.26 -12.84 -9.52
N SER A 69 -13.73 -12.31 -10.61
CA SER A 69 -14.56 -12.05 -11.78
C SER A 69 -15.09 -13.35 -12.37
N ILE A 70 -14.27 -14.39 -12.43
CA ILE A 70 -14.74 -15.68 -12.93
C ILE A 70 -15.83 -16.24 -12.03
N GLU A 71 -15.63 -16.13 -10.72
CA GLU A 71 -16.61 -16.60 -9.76
C GLU A 71 -17.92 -15.85 -9.89
N GLN A 72 -17.85 -14.53 -10.04
CA GLN A 72 -19.06 -13.73 -10.16
C GLN A 72 -19.86 -14.13 -11.40
N LYS A 73 -19.16 -14.35 -12.51
CA LYS A 73 -19.82 -14.81 -13.73
C LYS A 73 -20.48 -16.17 -13.50
N SER A 74 -19.82 -17.05 -12.74
CA SER A 74 -20.38 -18.37 -12.47
C SER A 74 -21.70 -18.31 -11.72
N ASN A 75 -21.96 -17.22 -11.01
CA ASN A 75 -23.15 -17.07 -10.20
C ASN A 75 -24.26 -16.30 -10.91
N GLU A 76 -24.09 -16.01 -12.20
CA GLU A 76 -25.11 -15.34 -12.98
C GLU A 76 -26.12 -16.35 -13.51
N GLU A 77 -27.34 -15.86 -13.78
CA GLU A 77 -28.38 -16.73 -14.30
C GLU A 77 -27.96 -17.33 -15.63
N GLY A 78 -28.22 -18.63 -15.80
CA GLY A 78 -27.88 -19.33 -17.01
C GLY A 78 -26.49 -19.93 -17.04
N SER A 79 -25.67 -19.65 -16.04
CA SER A 79 -24.32 -20.19 -15.99
C SER A 79 -24.35 -21.63 -15.51
N GLU A 80 -23.63 -22.51 -16.21
CA GLU A 80 -23.58 -23.91 -15.84
C GLU A 80 -22.91 -24.08 -14.48
N GLU A 81 -23.41 -25.05 -13.72
CA GLU A 81 -22.78 -25.42 -12.45
C GLU A 81 -21.48 -26.17 -12.73
N LYS A 82 -20.37 -25.67 -12.17
CA LYS A 82 -19.06 -26.26 -12.41
C LYS A 82 -18.42 -26.79 -11.13
N GLY A 83 -19.14 -26.80 -10.01
CA GLY A 83 -18.59 -27.32 -8.78
C GLY A 83 -17.91 -26.25 -7.95
N PRO A 84 -17.23 -26.69 -6.89
CA PRO A 84 -16.67 -25.76 -5.90
C PRO A 84 -15.29 -25.22 -6.25
N GLU A 85 -14.73 -25.61 -7.40
CA GLU A 85 -13.31 -25.33 -7.65
C GLU A 85 -13.00 -23.84 -7.76
N VAL A 86 -13.85 -23.06 -8.43
CA VAL A 86 -13.55 -21.64 -8.59
C VAL A 86 -13.52 -20.95 -7.22
N ARG A 87 -14.53 -21.21 -6.40
CA ARG A 87 -14.56 -20.67 -5.05
C ARG A 87 -13.36 -21.13 -4.24
N GLU A 88 -13.05 -22.42 -4.28
CA GLU A 88 -11.92 -22.94 -3.52
C GLU A 88 -10.62 -22.24 -3.91
N TYR A 89 -10.38 -22.10 -5.20
CA TYR A 89 -9.11 -21.51 -5.63
C TYR A 89 -9.06 -20.01 -5.34
N ARG A 90 -10.19 -19.30 -5.52
CA ARG A 90 -10.23 -17.90 -5.10
C ARG A 90 -9.96 -17.78 -3.61
N GLU A 91 -10.53 -18.68 -2.80
N GLU A 91 -10.52 -18.68 -2.81
CA GLU A 91 -10.27 -18.66 -1.36
CA GLU A 91 -10.26 -18.66 -1.37
C GLU A 91 -8.81 -18.95 -1.05
C GLU A 91 -8.80 -18.95 -1.06
N LYS A 92 -8.17 -19.85 -1.82
CA LYS A 92 -6.76 -20.15 -1.59
C LYS A 92 -5.92 -18.90 -1.81
N VAL A 93 -6.12 -18.23 -2.94
CA VAL A 93 -5.38 -17.01 -3.23
C VAL A 93 -5.69 -15.93 -2.19
N GLU A 94 -6.97 -15.79 -1.83
CA GLU A 94 -7.39 -14.81 -0.83
C GLU A 94 -6.68 -15.03 0.51
N THR A 95 -6.61 -16.29 0.95
CA THR A 95 -5.99 -16.58 2.23
C THR A 95 -4.49 -16.27 2.19
N GLU A 96 -3.84 -16.56 1.07
N GLU A 96 -3.83 -16.53 1.06
CA GLU A 96 -2.43 -16.22 0.92
CA GLU A 96 -2.41 -16.20 0.97
C GLU A 96 -2.24 -14.71 1.01
C GLU A 96 -2.19 -14.69 0.94
N LEU A 97 -3.09 -13.97 0.28
CA LEU A 97 -3.03 -12.51 0.29
C LEU A 97 -3.23 -11.96 1.70
N GLN A 98 -4.25 -12.46 2.41
CA GLN A 98 -4.47 -12.02 3.78
C GLN A 98 -3.27 -12.32 4.65
N GLY A 99 -2.63 -13.46 4.42
CA GLY A 99 -1.43 -13.79 5.19
C GLY A 99 -0.32 -12.78 4.99
N VAL A 100 -0.11 -12.35 3.75
CA VAL A 100 0.95 -11.37 3.52
C VAL A 100 0.58 -10.04 4.16
N CYS A 101 -0.68 -9.62 4.06
CA CYS A 101 -1.10 -8.39 4.73
C CYS A 101 -0.90 -8.49 6.23
N ASP A 102 -1.27 -9.63 6.84
CA ASP A 102 -1.07 -9.81 8.27
C ASP A 102 0.41 -9.76 8.63
N THR A 103 1.26 -10.31 7.76
CA THR A 103 2.71 -10.27 8.00
C THR A 103 3.21 -8.83 8.03
N VAL A 104 2.81 -8.02 7.06
CA VAL A 104 3.25 -6.62 7.03
C VAL A 104 2.72 -5.87 8.23
N LEU A 105 1.43 -6.04 8.53
CA LEU A 105 0.85 -5.37 9.69
C LEU A 105 1.56 -5.79 10.96
N GLY A 106 1.97 -7.06 11.05
CA GLY A 106 2.69 -7.51 12.23
C GLY A 106 4.04 -6.84 12.38
N LEU A 107 4.76 -6.65 11.26
CA LEU A 107 6.04 -5.95 11.33
C LEU A 107 5.84 -4.50 11.78
N LEU A 108 4.78 -3.87 11.25
CA LEU A 108 4.50 -2.49 11.64
C LEU A 108 4.17 -2.40 13.13
N ASP A 109 3.43 -3.38 13.66
CA ASP A 109 3.06 -3.39 15.07
C ASP A 109 4.17 -3.85 15.99
N SER A 110 5.14 -4.58 15.49
CA SER A 110 6.17 -5.20 16.33
C SER A 110 7.50 -5.08 15.59
N HIS A 111 8.13 -3.90 15.63
CA HIS A 111 7.79 -2.71 16.42
C HIS A 111 8.10 -1.43 15.65
N LEU A 112 7.88 -1.45 14.33
CA LEU A 112 8.31 -0.33 13.50
C LEU A 112 7.63 0.97 13.89
N ILE A 113 6.30 0.96 14.04
CA ILE A 113 5.59 2.21 14.27
C ILE A 113 5.96 2.83 15.61
N LYS A 114 6.00 2.02 16.67
CA LYS A 114 6.23 2.59 18.00
C LYS A 114 7.60 3.23 18.12
N GLU A 115 8.58 2.78 17.33
CA GLU A 115 9.92 3.37 17.41
C GLU A 115 10.13 4.52 16.44
N ALA A 116 9.15 4.80 15.57
CA ALA A 116 9.30 5.80 14.51
C ALA A 116 8.85 7.16 15.03
N GLY A 117 9.81 8.08 15.20
CA GLY A 117 9.52 9.39 15.76
C GLY A 117 9.61 10.53 14.76
N ASP A 118 10.44 10.37 13.74
CA ASP A 118 10.52 11.42 12.74
C ASP A 118 9.30 11.34 11.82
N ALA A 119 8.87 12.51 11.33
CA ALA A 119 7.67 12.54 10.50
C ALA A 119 7.81 11.63 9.28
N GLU A 120 8.97 11.62 8.64
CA GLU A 120 9.13 10.86 7.40
C GLU A 120 8.96 9.36 7.63
N SER A 121 9.46 8.86 8.75
CA SER A 121 9.31 7.44 9.02
C SER A 121 7.90 7.12 9.53
N ARG A 122 7.39 7.93 10.46
CA ARG A 122 6.11 7.62 11.06
C ARG A 122 4.98 7.71 10.05
N VAL A 123 4.96 8.77 9.23
CA VAL A 123 3.95 8.90 8.17
C VAL A 123 4.03 7.72 7.20
N PHE A 124 5.25 7.35 6.81
CA PHE A 124 5.43 6.25 5.88
C PHE A 124 4.84 4.95 6.44
N TYR A 125 5.15 4.63 7.70
CA TYR A 125 4.65 3.39 8.28
C TYR A 125 3.14 3.42 8.48
N LEU A 126 2.58 4.57 8.86
CA LEU A 126 1.13 4.66 9.03
C LEU A 126 0.42 4.57 7.69
N LYS A 127 1.00 5.17 6.64
CA LYS A 127 0.48 4.96 5.29
C LYS A 127 0.48 3.47 4.94
N MET A 128 1.57 2.77 5.22
CA MET A 128 1.63 1.35 4.94
C MET A 128 0.54 0.61 5.71
N LYS A 129 0.34 0.96 6.97
CA LYS A 129 -0.70 0.30 7.76
C LYS A 129 -2.07 0.53 7.12
N GLY A 130 -2.34 1.76 6.68
CA GLY A 130 -3.59 2.02 5.96
C GLY A 130 -3.70 1.19 4.70
N ASP A 131 -2.62 1.10 3.91
CA ASP A 131 -2.64 0.34 2.67
C ASP A 131 -2.95 -1.13 2.90
N TYR A 132 -2.32 -1.76 3.89
CA TYR A 132 -2.52 -3.19 4.04
C TYR A 132 -3.87 -3.51 4.65
N TYR A 133 -4.40 -2.63 5.52
CA TYR A 133 -5.80 -2.77 5.88
C TYR A 133 -6.72 -2.54 4.69
N ARG A 134 -6.37 -1.61 3.80
CA ARG A 134 -7.17 -1.40 2.60
C ARG A 134 -7.18 -2.65 1.72
N TYR A 135 -6.03 -3.31 1.57
CA TYR A 135 -6.01 -4.56 0.82
C TYR A 135 -6.84 -5.65 1.48
N LEU A 136 -6.79 -5.75 2.81
CA LEU A 136 -7.72 -6.64 3.52
C LEU A 136 -9.17 -6.28 3.23
N ALA A 137 -9.47 -4.97 3.17
CA ALA A 137 -10.85 -4.54 2.94
C ALA A 137 -11.32 -4.90 1.55
N GLU A 138 -10.42 -4.94 0.57
CA GLU A 138 -10.80 -5.27 -0.79
C GLU A 138 -11.41 -6.66 -0.88
N VAL A 139 -11.02 -7.57 0.01
CA VAL A 139 -11.50 -8.96 -0.03
C VAL A 139 -12.46 -9.28 1.09
N ALA A 140 -12.69 -8.35 2.01
CA ALA A 140 -13.53 -8.61 3.16
C ALA A 140 -15.00 -8.61 2.76
N THR A 141 -15.74 -9.63 3.23
CA THR A 141 -17.17 -9.73 2.99
C THR A 141 -17.96 -10.04 4.26
N GLY A 142 -17.30 -10.17 5.41
CA GLY A 142 -17.98 -10.62 6.61
C GLY A 142 -18.24 -9.58 7.67
N ASP A 143 -18.35 -10.04 8.93
CA ASP A 143 -18.77 -9.22 10.06
C ASP A 143 -17.68 -8.29 10.57
N ASP A 144 -16.43 -8.50 10.20
CA ASP A 144 -15.35 -7.60 10.57
C ASP A 144 -15.00 -6.58 9.49
N LYS A 145 -15.74 -6.58 8.37
CA LYS A 145 -15.44 -5.67 7.27
C LYS A 145 -15.46 -4.22 7.72
N LYS A 146 -16.46 -3.84 8.49
CA LYS A 146 -16.51 -2.47 8.99
C LYS A 146 -15.30 -2.15 9.85
N ARG A 147 -14.86 -3.09 10.68
CA ARG A 147 -13.71 -2.79 11.53
C ARG A 147 -12.42 -2.75 10.73
N ILE A 148 -12.30 -3.57 9.68
CA ILE A 148 -11.12 -3.50 8.81
C ILE A 148 -11.07 -2.15 8.12
N ILE A 149 -12.21 -1.69 7.61
CA ILE A 149 -12.27 -0.39 6.95
C ILE A 149 -11.93 0.71 7.93
N ASP A 150 -12.45 0.64 9.17
CA ASP A 150 -12.12 1.68 10.13
C ASP A 150 -10.65 1.67 10.50
N SER A 151 -10.02 0.49 10.54
CA SER A 151 -8.59 0.42 10.83
C SER A 151 -7.79 1.09 9.73
N ALA A 152 -8.16 0.88 8.46
CA ALA A 152 -7.47 1.58 7.37
C ALA A 152 -7.67 3.08 7.51
N ARG A 153 -8.91 3.51 7.75
N ARG A 153 -8.92 3.51 7.70
CA ARG A 153 -9.21 4.93 7.89
CA ARG A 153 -9.23 4.93 7.78
C ARG A 153 -8.40 5.55 9.03
C ARG A 153 -8.44 5.59 8.91
N SER A 154 -8.34 4.87 10.16
N SER A 154 -8.38 4.93 10.08
CA SER A 154 -7.69 5.45 11.33
CA SER A 154 -7.71 5.52 11.22
C SER A 154 -6.19 5.62 11.10
C SER A 154 -6.21 5.69 10.97
N ALA A 155 -5.56 4.66 10.41
CA ALA A 155 -4.13 4.76 10.14
C ALA A 155 -3.86 5.88 9.12
N TYR A 156 -4.66 5.91 8.05
CA TYR A 156 -4.51 6.99 7.07
C TYR A 156 -4.72 8.36 7.72
N GLN A 157 -5.72 8.47 8.59
CA GLN A 157 -6.03 9.77 9.18
C GLN A 157 -4.90 10.25 10.07
N GLU A 158 -4.30 9.36 10.87
CA GLU A 158 -3.16 9.77 11.68
C GLU A 158 -1.97 10.17 10.80
N ALA A 159 -1.75 9.43 9.71
CA ALA A 159 -0.68 9.80 8.79
C ALA A 159 -0.94 11.16 8.16
N MET A 160 -2.20 11.43 7.79
CA MET A 160 -2.54 12.73 7.20
C MET A 160 -2.31 13.85 8.21
N ASP A 161 -2.72 13.63 9.45
CA ASP A 161 -2.59 14.70 10.45
C ASP A 161 -1.13 15.05 10.67
N ILE A 162 -0.26 14.04 10.77
CA ILE A 162 1.17 14.30 10.96
C ILE A 162 1.74 14.97 9.71
N SER A 163 1.39 14.45 8.53
CA SER A 163 1.99 14.96 7.30
C SER A 163 1.62 16.42 7.07
N LYS A 164 0.39 16.80 7.41
CA LYS A 164 -0.01 18.20 7.24
C LYS A 164 0.77 19.11 8.19
N LYS A 165 1.04 18.66 9.41
CA LYS A 165 1.75 19.47 10.38
C LYS A 165 3.24 19.55 10.09
N GLU A 166 3.85 18.46 9.58
CA GLU A 166 5.29 18.32 9.64
C GLU A 166 6.00 18.26 8.29
N MET A 167 5.26 18.23 7.19
N MET A 167 5.26 18.15 7.19
CA MET A 167 5.90 18.04 5.91
CA MET A 167 5.84 18.00 5.86
C MET A 167 5.30 18.97 4.86
C MET A 167 5.33 19.10 4.94
N PRO A 168 6.11 19.47 3.92
CA PRO A 168 5.60 20.40 2.90
C PRO A 168 4.59 19.71 2.00
N PRO A 169 3.72 20.48 1.36
CA PRO A 169 2.68 19.86 0.53
C PRO A 169 3.22 19.12 -0.68
N THR A 170 4.48 19.34 -1.06
CA THR A 170 5.10 18.64 -2.18
C THR A 170 5.86 17.39 -1.75
N ASN A 171 5.93 17.09 -0.47
CA ASN A 171 6.72 15.94 -0.04
C ASN A 171 6.17 14.66 -0.68
N PRO A 172 7.02 13.82 -1.31
CA PRO A 172 6.49 12.63 -2.00
C PRO A 172 5.70 11.68 -1.11
N ILE A 173 6.09 11.53 0.16
CA ILE A 173 5.33 10.65 1.05
C ILE A 173 3.95 11.22 1.31
N ARG A 174 3.89 12.53 1.61
CA ARG A 174 2.61 13.19 1.80
C ARG A 174 1.73 13.02 0.57
N LEU A 175 2.31 13.18 -0.62
CA LEU A 175 1.53 13.07 -1.85
C LEU A 175 1.04 11.64 -2.09
N GLY A 176 1.91 10.64 -1.88
CA GLY A 176 1.49 9.27 -2.10
C GLY A 176 0.46 8.82 -1.08
N LEU A 177 0.60 9.29 0.16
CA LEU A 177 -0.41 9.04 1.18
C LEU A 177 -1.76 9.60 0.75
N ALA A 178 -1.77 10.84 0.29
CA ALA A 178 -3.05 11.46 -0.11
C ALA A 178 -3.66 10.74 -1.30
N LEU A 179 -2.82 10.34 -2.26
CA LEU A 179 -3.30 9.55 -3.39
C LEU A 179 -3.99 8.29 -2.92
N ASN A 180 -3.35 7.56 -2.00
CA ASN A 180 -3.91 6.28 -1.56
C ASN A 180 -5.12 6.48 -0.67
N PHE A 181 -5.13 7.49 0.20
CA PHE A 181 -6.31 7.75 1.03
C PHE A 181 -7.48 8.17 0.15
N SER A 182 -7.20 8.91 -0.93
CA SER A 182 -8.27 9.26 -1.85
C SER A 182 -8.85 8.02 -2.53
N VAL A 183 -7.99 7.08 -2.94
CA VAL A 183 -8.48 5.80 -3.48
C VAL A 183 -9.30 5.04 -2.45
N PHE A 184 -8.83 5.01 -1.20
CA PHE A 184 -9.62 4.43 -0.12
C PHE A 184 -11.02 5.05 -0.07
N HIS A 185 -11.10 6.39 -0.08
CA HIS A 185 -12.42 7.02 -0.02
C HIS A 185 -13.28 6.61 -1.21
N TYR A 186 -12.69 6.58 -2.40
CA TYR A 186 -13.46 6.34 -3.61
C TYR A 186 -14.02 4.93 -3.66
N GLU A 187 -13.17 3.93 -3.43
CA GLU A 187 -13.58 2.57 -3.75
C GLU A 187 -13.76 1.66 -2.53
N ILE A 188 -13.33 2.07 -1.35
CA ILE A 188 -13.55 1.30 -0.12
C ILE A 188 -14.66 1.90 0.73
N ALA A 189 -14.60 3.20 0.97
CA ALA A 189 -15.52 3.86 1.88
C ALA A 189 -16.77 4.43 1.20
N ASN A 190 -16.93 4.19 -0.10
CA ASN A 190 -18.13 4.66 -0.80
C ASN A 190 -18.31 6.18 -0.67
N SER A 191 -17.19 6.90 -0.77
CA SER A 191 -17.16 8.36 -0.59
C SER A 191 -16.46 9.03 -1.76
N PRO A 192 -17.01 8.93 -2.98
CA PRO A 192 -16.31 9.52 -4.13
C PRO A 192 -16.11 11.02 -4.01
N GLU A 193 -17.06 11.75 -3.42
CA GLU A 193 -16.88 13.20 -3.27
C GLU A 193 -15.69 13.53 -2.37
N GLU A 194 -15.52 12.79 -1.28
CA GLU A 194 -14.35 12.98 -0.43
C GLU A 194 -13.07 12.65 -1.18
N ALA A 195 -13.08 11.59 -1.98
CA ALA A 195 -11.92 11.20 -2.77
C ALA A 195 -11.52 12.31 -3.73
N ILE A 196 -12.50 12.88 -4.44
CA ILE A 196 -12.24 13.94 -5.41
C ILE A 196 -11.74 15.19 -4.70
N SER A 197 -12.39 15.58 -3.60
N SER A 197 -12.39 15.57 -3.60
CA SER A 197 -11.97 16.77 -2.87
CA SER A 197 -11.97 16.77 -2.87
C SER A 197 -10.54 16.62 -2.39
C SER A 197 -10.55 16.63 -2.35
N LEU A 198 -10.20 15.45 -1.83
CA LEU A 198 -8.85 15.25 -1.33
C LEU A 198 -7.84 15.30 -2.45
N ALA A 199 -8.12 14.65 -3.58
CA ALA A 199 -7.17 14.67 -4.69
C ALA A 199 -6.97 16.09 -5.21
N LYS A 200 -8.06 16.87 -5.34
CA LYS A 200 -7.96 18.23 -5.87
C LYS A 200 -7.20 19.15 -4.93
N THR A 201 -7.55 19.14 -3.64
CA THR A 201 -6.85 19.97 -2.68
C THR A 201 -5.38 19.61 -2.59
N THR A 202 -5.07 18.32 -2.60
CA THR A 202 -3.68 17.90 -2.54
C THR A 202 -2.91 18.39 -3.76
N PHE A 203 -3.51 18.21 -4.94
CA PHE A 203 -2.86 18.68 -6.17
C PHE A 203 -2.61 20.18 -6.13
N ASP A 204 -3.61 20.95 -5.74
CA ASP A 204 -3.52 22.41 -5.80
C ASP A 204 -2.51 22.93 -4.78
N GLU A 205 -2.47 22.35 -3.59
CA GLU A 205 -1.50 22.79 -2.60
C GLU A 205 -0.08 22.42 -2.99
N ALA A 206 0.10 21.28 -3.66
CA ALA A 206 1.42 20.94 -4.15
C ALA A 206 1.85 21.91 -5.26
N MET A 207 0.96 22.20 -6.20
N MET A 207 0.93 22.20 -6.19
CA MET A 207 1.27 23.13 -7.28
CA MET A 207 1.20 23.13 -7.29
C MET A 207 1.83 24.43 -6.72
C MET A 207 1.78 24.44 -6.76
N ALA A 208 1.18 24.97 -5.69
CA ALA A 208 1.56 26.26 -5.14
C ALA A 208 2.92 26.23 -4.46
N ASP A 209 3.46 25.05 -4.15
CA ASP A 209 4.73 24.93 -3.44
C ASP A 209 5.86 24.48 -4.36
N LEU A 210 5.57 24.17 -5.63
CA LEU A 210 6.62 23.71 -6.54
C LEU A 210 7.74 24.73 -6.70
N HIS A 211 7.43 26.03 -6.59
CA HIS A 211 8.43 27.06 -6.84
C HIS A 211 9.60 26.97 -5.86
N THR A 212 9.42 26.29 -4.73
CA THR A 212 10.44 26.18 -3.70
C THR A 212 11.45 25.08 -3.97
N LEU A 213 11.22 24.24 -4.97
CA LEU A 213 11.93 22.99 -5.14
C LEU A 213 13.06 23.09 -6.17
N SER A 214 14.07 22.26 -5.97
CA SER A 214 15.08 22.02 -6.98
C SER A 214 14.48 21.28 -8.16
N GLU A 215 15.25 21.20 -9.25
CA GLU A 215 14.79 20.46 -10.44
C GLU A 215 14.48 19.00 -10.10
N ASP A 216 15.36 18.34 -9.35
CA ASP A 216 15.13 16.93 -9.04
C ASP A 216 13.91 16.73 -8.15
N SER A 217 13.75 17.59 -7.13
CA SER A 217 12.56 17.48 -6.27
C SER A 217 11.29 17.79 -7.04
N TYR A 218 11.35 18.78 -7.93
CA TYR A 218 10.22 19.09 -8.80
C TYR A 218 9.78 17.88 -9.60
N LYS A 219 10.75 17.13 -10.17
CA LYS A 219 10.39 15.93 -10.91
C LYS A 219 9.72 14.89 -10.02
N ASP A 220 10.25 14.70 -8.80
CA ASP A 220 9.68 13.73 -7.88
C ASP A 220 8.23 14.09 -7.55
N SER A 221 7.98 15.36 -7.24
CA SER A 221 6.65 15.77 -6.82
C SER A 221 5.65 15.76 -7.97
N THR A 222 6.06 16.28 -9.13
CA THR A 222 5.13 16.33 -10.26
C THR A 222 4.75 14.95 -10.75
N LEU A 223 5.64 13.95 -10.59
CA LEU A 223 5.28 12.59 -10.99
C LEU A 223 4.07 12.10 -10.22
N ILE A 224 4.05 12.34 -8.90
CA ILE A 224 2.91 11.90 -8.11
C ILE A 224 1.69 12.80 -8.32
N MET A 225 1.91 14.09 -8.54
CA MET A 225 0.79 14.96 -8.87
C MET A 225 0.06 14.47 -10.12
N GLN A 226 0.80 13.93 -11.08
CA GLN A 226 0.16 13.43 -12.30
C GLN A 226 -0.75 12.25 -12.00
N LEU A 227 -0.40 11.41 -11.00
CA LEU A 227 -1.30 10.33 -10.61
C LEU A 227 -2.59 10.86 -10.01
N LEU A 228 -2.50 11.90 -9.18
CA LEU A 228 -3.71 12.56 -8.68
C LEU A 228 -4.56 13.09 -9.83
N ARG A 229 -3.91 13.73 -10.81
CA ARG A 229 -4.62 14.24 -11.98
C ARG A 229 -5.25 13.10 -12.78
N ASP A 230 -4.53 11.99 -12.95
CA ASP A 230 -5.10 10.84 -13.65
C ASP A 230 -6.39 10.39 -12.99
N ASN A 231 -6.40 10.32 -11.66
CA ASN A 231 -7.61 9.89 -10.97
C ASN A 231 -8.72 10.92 -11.11
N LEU A 232 -8.39 12.21 -10.99
CA LEU A 232 -9.43 13.23 -11.16
C LEU A 232 -10.04 13.17 -12.54
N THR A 233 -9.22 12.92 -13.56
CA THR A 233 -9.75 12.82 -14.92
C THR A 233 -10.65 11.59 -15.07
N LEU A 234 -10.29 10.49 -14.42
CA LEU A 234 -11.11 9.29 -14.47
C LEU A 234 -12.42 9.48 -13.73
N TRP A 235 -12.41 10.21 -12.62
CA TRP A 235 -13.53 10.27 -11.70
C TRP A 235 -14.49 11.42 -11.97
N THR A 236 -14.10 12.37 -12.81
CA THR A 236 -14.93 13.54 -13.10
C THR A 236 -15.16 13.65 -14.60
N ARG B 2 -9.34 2.01 -18.02
CA ARG B 2 -8.35 2.72 -17.22
C ARG B 2 -8.59 2.50 -15.73
N ARG B 3 -7.69 1.75 -15.09
CA ARG B 3 -7.78 1.50 -13.66
C ARG B 3 -7.17 2.68 -12.91
N ARG B 4 -7.83 3.09 -11.82
CA ARG B 4 -7.35 4.22 -11.04
C ARG B 4 -5.94 3.96 -10.51
N LYS B 5 -5.22 5.04 -10.24
CA LYS B 5 -3.84 4.95 -9.79
C LYS B 5 -3.76 4.93 -8.27
N SEP B 6 -2.99 4.00 -7.71
CA SEP B 6 -2.53 4.17 -6.33
CB SEP B 6 -2.98 3.03 -5.41
OG SEP B 6 -2.44 1.81 -5.87
C SEP B 6 -1.01 4.31 -6.38
O SEP B 6 -0.42 4.32 -7.47
P SEP B 6 -2.77 0.51 -4.98
O1P SEP B 6 -4.32 0.29 -4.92
O2P SEP B 6 -2.18 0.73 -3.54
O3P SEP B 6 -2.05 -0.66 -5.78
N CYS B 7 -0.36 4.45 -5.24
CA CYS B 7 1.04 4.80 -5.22
C CYS B 7 1.88 3.58 -5.59
N GLN B 8 2.27 3.51 -6.87
CA GLN B 8 2.99 2.42 -7.49
C GLN B 8 3.97 3.01 -8.49
N ALA B 9 5.01 2.25 -8.79
CA ALA B 9 6.06 2.67 -9.73
C ALA B 9 5.56 2.80 -11.16
N NH2 B 10 4.50 2.08 -11.49
MG MG C . 9.35 19.12 8.22
CL CL D . -7.48 -24.70 -4.28
MG MG E . 25.06 -8.74 13.36
MG MG F . -21.03 16.26 -6.18
N1 QQ0 G . 6.52 7.01 -6.12
C2 QQ0 G . 5.34 6.12 -6.05
C3 QQ0 G . 4.03 6.77 -6.44
C4 QQ0 G . 6.63 6.93 -3.34
C6 QQ0 G . 5.97 5.51 -1.54
C8 QQ0 G . 4.54 6.38 0.30
C9 QQ0 G . 5.28 7.80 -1.58
C10 QQ0 G . 5.97 7.99 -2.76
C1 QQ0 G . 6.46 8.05 -7.14
C5 QQ0 G . 6.65 5.68 -2.73
C7 QQ0 G . 5.27 6.56 -0.96
O1 QQ0 G . 7.93 8.56 -4.82
O2 QQ0 G . 8.50 6.17 -4.94
S1 QQ0 G . 3.18 7.53 -5.03
S2 QQ0 G . 7.51 7.19 -4.84
#